data_2WQK
#
_entry.id   2WQK
#
_cell.length_a   65.006
_cell.length_b   65.006
_cell.length_c   239.194
_cell.angle_alpha   90.00
_cell.angle_beta   90.00
_cell.angle_gamma   120.00
#
_symmetry.space_group_name_H-M   'P 32 2 1'
#
loop_
_entity.id
_entity.type
_entity.pdbx_description
1 polymer "5'-NUCLEOTIDASE SURE"
2 non-polymer 'SULFATE ION'
3 non-polymer 'SODIUM ION'
4 water water
#
_entity_poly.entity_id   1
_entity_poly.type   'polypeptide(L)'
_entity_poly.pdbx_seq_one_letter_code
;MPTFLLVNDDGYFSPGINALREALKSLGRVVVVAPDRNLSGVGHSLTFTEPLKMRKIDTDFYTVIDGTPADCVHLGYRVI
LEEKKPDLVLSGINEGPNLGEDITYSGTVSGAMEGRILGIPSIAFSAFGRENIMFEEIAKVCVDIVKKVLNEGIPEDTYL
NVNIPNLRYEEIKGIKVTRQGKRAYKERVFKYIDPYGKPFYWIAAEEFGWHAEEGTDYWAVLNGYVSVTPLHLDLTNYKV
MKSIKYLEDSP
;
_entity_poly.pdbx_strand_id   A,B
#
loop_
_chem_comp.id
_chem_comp.type
_chem_comp.name
_chem_comp.formula
NA non-polymer 'SODIUM ION' 'Na 1'
SO4 non-polymer 'SULFATE ION' 'O4 S -2'
#
# COMPACT_ATOMS: atom_id res chain seq x y z
N PRO A 2 6.73 -13.82 -27.05
CA PRO A 2 6.79 -13.32 -25.66
C PRO A 2 5.85 -14.11 -24.76
N THR A 3 6.06 -13.95 -23.43
CA THR A 3 5.25 -14.64 -22.45
C THR A 3 4.85 -13.61 -21.39
N PHE A 4 3.57 -13.67 -21.02
CA PHE A 4 3.04 -12.76 -19.99
C PHE A 4 2.51 -13.57 -18.82
N LEU A 5 2.83 -13.11 -17.59
CA LEU A 5 2.24 -13.68 -16.39
C LEU A 5 1.12 -12.70 -16.00
N LEU A 6 -0.11 -13.17 -16.05
CA LEU A 6 -1.30 -12.34 -15.84
C LEU A 6 -1.99 -12.78 -14.57
N VAL A 7 -2.21 -11.81 -13.69
CA VAL A 7 -2.84 -12.04 -12.40
C VAL A 7 -3.97 -11.02 -12.25
N ASN A 8 -4.77 -11.18 -11.20
CA ASN A 8 -5.71 -10.14 -10.83
C ASN A 8 -6.05 -10.27 -9.34
N ASP A 9 -6.98 -9.42 -8.90
CA ASP A 9 -7.48 -9.45 -7.53
C ASP A 9 -8.94 -9.88 -7.39
N ASP A 10 -9.67 -9.93 -8.52
CA ASP A 10 -11.09 -10.21 -8.53
C ASP A 10 -11.41 -11.69 -8.65
N GLY A 11 -10.42 -12.50 -9.02
CA GLY A 11 -10.63 -13.93 -9.21
C GLY A 11 -10.46 -14.35 -10.67
N TYR A 12 -10.06 -15.61 -10.85
CA TYR A 12 -9.73 -16.13 -12.19
C TYR A 12 -10.91 -16.11 -13.13
N PHE A 13 -12.11 -16.08 -12.57
CA PHE A 13 -13.37 -16.14 -13.35
C PHE A 13 -13.91 -14.77 -13.79
N SER A 14 -13.24 -13.69 -13.36
CA SER A 14 -13.79 -12.37 -13.57
CA SER A 14 -13.73 -12.35 -13.57
C SER A 14 -13.74 -12.01 -15.06
N PRO A 15 -14.74 -11.23 -15.52
CA PRO A 15 -14.72 -10.85 -16.93
C PRO A 15 -13.49 -10.00 -17.33
N GLY A 16 -12.92 -9.25 -16.38
CA GLY A 16 -11.78 -8.39 -16.69
C GLY A 16 -10.52 -9.18 -17.02
N ILE A 17 -10.22 -10.19 -16.22
CA ILE A 17 -8.99 -10.97 -16.45
C ILE A 17 -9.16 -11.81 -17.71
N ASN A 18 -10.37 -12.31 -17.90
CA ASN A 18 -10.60 -13.17 -19.08
C ASN A 18 -10.57 -12.36 -20.38
N ALA A 19 -11.15 -11.16 -20.35
CA ALA A 19 -11.09 -10.28 -21.53
C ALA A 19 -9.65 -9.97 -21.90
N LEU A 20 -8.85 -9.65 -20.89
CA LEU A 20 -7.47 -9.29 -21.14
C LEU A 20 -6.70 -10.51 -21.67
N ARG A 21 -6.92 -11.67 -21.05
CA ARG A 21 -6.26 -12.92 -21.46
C ARG A 21 -6.53 -13.17 -22.95
N GLU A 22 -7.79 -13.10 -23.30
CA GLU A 22 -8.18 -13.40 -24.71
C GLU A 22 -7.50 -12.46 -25.72
N ALA A 23 -7.54 -11.16 -25.43
CA ALA A 23 -6.92 -10.17 -26.29
C ALA A 23 -5.41 -10.31 -26.44
N LEU A 24 -4.76 -10.69 -25.33
CA LEU A 24 -3.30 -10.79 -25.32
C LEU A 24 -2.73 -11.96 -26.11
N LYS A 25 -3.59 -12.95 -26.38
CA LYS A 25 -3.09 -14.13 -27.10
C LYS A 25 -2.40 -13.79 -28.42
N SER A 26 -2.83 -12.72 -29.09
CA SER A 26 -2.22 -12.35 -30.37
CA SER A 26 -2.24 -12.28 -30.36
C SER A 26 -0.80 -11.80 -30.22
N LEU A 27 -0.40 -11.45 -29.00
CA LEU A 27 0.98 -10.95 -28.77
C LEU A 27 1.96 -11.99 -28.22
N GLY A 28 1.45 -13.06 -27.63
CA GLY A 28 2.35 -14.04 -27.02
C GLY A 28 1.55 -15.05 -26.18
N ARG A 29 2.27 -15.75 -25.31
CA ARG A 29 1.65 -16.76 -24.46
CA ARG A 29 1.72 -16.79 -24.45
C ARG A 29 1.26 -16.14 -23.15
N VAL A 30 -0.01 -16.33 -22.81
CA VAL A 30 -0.57 -15.76 -21.57
C VAL A 30 -0.63 -16.88 -20.57
N VAL A 31 0.06 -16.69 -19.43
CA VAL A 31 0.01 -17.65 -18.34
C VAL A 31 -0.72 -16.95 -17.21
N VAL A 32 -1.88 -17.50 -16.88
CA VAL A 32 -2.73 -16.89 -15.82
C VAL A 32 -2.50 -17.63 -14.52
N VAL A 33 -2.29 -16.84 -13.46
CA VAL A 33 -2.31 -17.39 -12.10
C VAL A 33 -3.12 -16.35 -11.31
N ALA A 34 -4.28 -16.75 -10.82
CA ALA A 34 -5.17 -15.74 -10.20
C ALA A 34 -5.90 -16.34 -8.99
N PRO A 35 -6.36 -15.46 -8.08
CA PRO A 35 -7.09 -15.95 -6.92
C PRO A 35 -8.38 -16.69 -7.29
N ASP A 36 -8.85 -17.53 -6.38
CA ASP A 36 -10.11 -18.26 -6.60
C ASP A 36 -11.36 -17.48 -6.11
N ARG A 37 -11.17 -16.21 -5.69
CA ARG A 37 -12.23 -15.40 -5.08
C ARG A 37 -11.80 -13.94 -5.18
N ASN A 38 -12.75 -13.06 -4.95
CA ASN A 38 -12.47 -11.64 -5.00
C ASN A 38 -11.84 -11.20 -3.68
N LEU A 39 -10.63 -10.67 -3.76
CA LEU A 39 -9.87 -10.24 -2.55
C LEU A 39 -9.74 -8.73 -2.43
N SER A 40 -10.56 -8.00 -3.16
CA SER A 40 -10.49 -6.55 -3.20
C SER A 40 -10.57 -5.92 -1.78
N GLY A 41 -11.43 -6.48 -0.96
CA GLY A 41 -11.75 -5.85 0.33
C GLY A 41 -10.84 -6.23 1.48
N VAL A 42 -9.87 -7.09 1.24
CA VAL A 42 -9.11 -7.75 2.28
C VAL A 42 -7.61 -7.53 2.12
N GLY A 43 -6.81 -8.31 2.81
CA GLY A 43 -5.36 -8.14 2.73
C GLY A 43 -4.78 -8.62 1.39
N HIS A 44 -3.66 -8.01 1.02
CA HIS A 44 -2.99 -8.29 -0.26
C HIS A 44 -1.53 -8.72 -0.09
N SER A 45 -1.06 -8.90 1.14
CA SER A 45 0.36 -9.15 1.34
C SER A 45 0.76 -10.57 0.84
N LEU A 46 2.06 -10.77 0.73
CA LEU A 46 2.62 -12.09 0.40
C LEU A 46 2.45 -13.03 1.64
N THR A 47 1.98 -14.25 1.41
CA THR A 47 1.60 -15.25 2.46
C THR A 47 2.86 -16.06 2.79
N PHE A 48 3.41 -15.91 3.99
CA PHE A 48 4.62 -16.61 4.40
C PHE A 48 4.30 -17.66 5.45
N THR A 49 3.18 -17.49 6.12
CA THR A 49 2.87 -18.21 7.36
C THR A 49 1.88 -19.35 7.16
N GLU A 50 1.38 -19.54 5.93
CA GLU A 50 0.49 -20.67 5.65
C GLU A 50 0.79 -21.10 4.23
N PRO A 51 0.54 -22.36 3.95
CA PRO A 51 0.69 -22.89 2.60
C PRO A 51 -0.50 -22.53 1.73
N LEU A 52 -0.32 -22.74 0.43
CA LEU A 52 -1.25 -22.30 -0.59
C LEU A 52 -1.52 -23.44 -1.57
N LYS A 53 -2.80 -23.76 -1.75
CA LYS A 53 -3.16 -24.72 -2.78
C LYS A 53 -3.15 -23.99 -4.13
N MET A 54 -2.62 -24.65 -5.15
CA MET A 54 -2.70 -24.09 -6.50
C MET A 54 -3.20 -25.18 -7.41
N ARG A 55 -4.25 -24.86 -8.16
CA ARG A 55 -5.00 -25.83 -8.98
CA ARG A 55 -4.97 -25.84 -8.98
C ARG A 55 -4.94 -25.42 -10.44
N LYS A 56 -4.73 -26.39 -11.32
CA LYS A 56 -4.73 -26.15 -12.76
C LYS A 56 -6.17 -26.18 -13.27
N ILE A 57 -6.60 -25.08 -13.88
CA ILE A 57 -7.93 -25.00 -14.47
C ILE A 57 -7.85 -25.47 -15.94
N ASP A 58 -6.79 -25.08 -16.62
CA ASP A 58 -6.57 -25.47 -18.02
C ASP A 58 -5.13 -25.18 -18.34
N THR A 59 -4.72 -25.43 -19.59
CA THR A 59 -3.36 -25.17 -19.98
C THR A 59 -3.03 -23.71 -19.69
N ASP A 60 -1.92 -23.52 -18.99
CA ASP A 60 -1.45 -22.16 -18.67
C ASP A 60 -2.49 -21.33 -17.91
N PHE A 61 -3.34 -21.97 -17.10
CA PHE A 61 -4.39 -21.24 -16.40
C PHE A 61 -4.56 -21.89 -15.02
N TYR A 62 -4.12 -21.17 -13.99
CA TYR A 62 -4.04 -21.73 -12.64
C TYR A 62 -4.73 -20.79 -11.67
N THR A 63 -5.25 -21.38 -10.61
CA THR A 63 -5.75 -20.55 -9.51
C THR A 63 -5.05 -20.91 -8.22
N VAL A 64 -4.83 -19.87 -7.41
CA VAL A 64 -4.27 -20.03 -6.08
C VAL A 64 -5.44 -19.81 -5.08
N ILE A 65 -5.73 -20.86 -4.33
CA ILE A 65 -6.87 -20.84 -3.43
C ILE A 65 -6.60 -19.89 -2.25
N ASP A 66 -7.40 -18.84 -2.17
CA ASP A 66 -7.21 -17.75 -1.22
C ASP A 66 -5.82 -17.09 -1.35
N GLY A 67 -5.26 -17.08 -2.57
CA GLY A 67 -3.95 -16.49 -2.84
C GLY A 67 -4.08 -15.03 -3.21
N THR A 68 -3.33 -14.16 -2.55
CA THR A 68 -3.31 -12.73 -2.94
C THR A 68 -2.63 -12.55 -4.32
N PRO A 69 -2.83 -11.39 -4.96
CA PRO A 69 -2.08 -11.14 -6.22
C PRO A 69 -0.57 -11.34 -6.06
N ALA A 70 -0.03 -10.89 -4.94
CA ALA A 70 1.37 -11.12 -4.62
C ALA A 70 1.75 -12.61 -4.64
N ASP A 71 0.92 -13.43 -3.98
CA ASP A 71 1.12 -14.89 -3.92
C ASP A 71 1.12 -15.42 -5.39
N CYS A 72 0.17 -14.94 -6.16
CA CYS A 72 0.00 -15.42 -7.54
C CYS A 72 1.25 -15.10 -8.40
N VAL A 73 1.76 -13.86 -8.26
CA VAL A 73 2.95 -13.48 -9.01
C VAL A 73 4.15 -14.34 -8.61
N HIS A 74 4.32 -14.51 -7.30
CA HIS A 74 5.47 -15.25 -6.84
C HIS A 74 5.39 -16.75 -7.17
N LEU A 75 4.22 -17.34 -7.00
CA LEU A 75 4.05 -18.77 -7.38
C LEU A 75 4.11 -18.90 -8.90
N GLY A 76 3.53 -17.95 -9.62
CA GLY A 76 3.60 -17.98 -11.09
C GLY A 76 5.03 -17.98 -11.59
N TYR A 77 5.85 -17.11 -11.01
CA TYR A 77 7.21 -16.98 -11.45
C TYR A 77 8.06 -18.19 -11.02
N ARG A 78 7.99 -18.55 -9.74
CA ARG A 78 8.88 -19.58 -9.23
C ARG A 78 8.44 -20.98 -9.58
N VAL A 79 7.15 -21.24 -9.56
CA VAL A 79 6.65 -22.63 -9.79
C VAL A 79 6.25 -22.80 -11.26
N ILE A 80 5.30 -21.99 -11.75
CA ILE A 80 4.72 -22.27 -13.07
C ILE A 80 5.76 -22.00 -14.16
N LEU A 81 6.44 -20.86 -14.07
CA LEU A 81 7.47 -20.47 -15.03
C LEU A 81 8.88 -20.95 -14.71
N GLU A 82 9.01 -21.69 -13.61
CA GLU A 82 10.30 -22.29 -13.26
C GLU A 82 11.44 -21.27 -13.20
N GLU A 83 11.14 -20.08 -12.66
CA GLU A 83 12.13 -19.01 -12.46
C GLU A 83 12.69 -18.41 -13.76
N LYS A 84 11.98 -18.63 -14.86
CA LYS A 84 12.28 -17.98 -16.11
C LYS A 84 11.40 -16.74 -16.19
N LYS A 85 12.01 -15.57 -16.18
CA LYS A 85 11.22 -14.35 -16.17
CA LYS A 85 11.25 -14.31 -16.19
C LYS A 85 10.40 -14.19 -17.46
N PRO A 86 9.11 -13.86 -17.31
CA PRO A 86 8.30 -13.56 -18.45
C PRO A 86 8.68 -12.18 -18.97
N ASP A 87 8.16 -11.78 -20.13
CA ASP A 87 8.44 -10.47 -20.67
C ASP A 87 7.77 -9.39 -19.83
N LEU A 88 6.58 -9.68 -19.34
CA LEU A 88 5.81 -8.75 -18.51
C LEU A 88 4.99 -9.51 -17.49
N VAL A 89 4.79 -8.84 -16.34
CA VAL A 89 3.75 -9.22 -15.39
C VAL A 89 2.65 -8.19 -15.57
N LEU A 90 1.41 -8.68 -15.74
CA LEU A 90 0.23 -7.84 -16.00
C LEU A 90 -0.79 -8.19 -14.94
N SER A 91 -1.49 -7.17 -14.46
CA SER A 91 -2.47 -7.37 -13.41
C SER A 91 -3.75 -6.62 -13.75
N GLY A 92 -4.85 -7.33 -13.82
CA GLY A 92 -6.14 -6.74 -14.18
C GLY A 92 -6.86 -7.62 -15.19
N ILE A 93 -7.86 -7.04 -15.88
CA ILE A 93 -8.39 -5.70 -15.70
C ILE A 93 -9.27 -5.64 -14.51
N ASN A 94 -8.94 -4.74 -13.58
CA ASN A 94 -9.73 -4.61 -12.37
C ASN A 94 -11.16 -4.15 -12.64
N GLU A 95 -12.07 -4.68 -11.83
CA GLU A 95 -13.45 -4.26 -11.83
CA GLU A 95 -13.47 -4.27 -11.83
C GLU A 95 -13.53 -3.01 -10.95
N GLY A 96 -13.12 -1.89 -11.49
CA GLY A 96 -13.22 -0.59 -10.87
C GLY A 96 -11.86 0.08 -10.94
N PRO A 97 -11.85 1.41 -10.73
CA PRO A 97 -10.62 2.17 -10.87
C PRO A 97 -9.63 2.03 -9.72
N ASN A 98 -8.38 2.37 -10.02
CA ASN A 98 -7.33 2.51 -9.01
C ASN A 98 -6.55 3.80 -9.28
N LEU A 99 -7.08 4.89 -8.73
CA LEU A 99 -6.61 6.23 -8.99
C LEU A 99 -6.14 6.91 -7.70
N GLY A 100 -5.25 7.86 -7.90
CA GLY A 100 -4.90 8.78 -6.84
C GLY A 100 -4.33 8.09 -5.62
N GLU A 101 -4.73 8.62 -4.47
CA GLU A 101 -4.22 8.15 -3.18
CA GLU A 101 -4.12 8.17 -3.23
C GLU A 101 -4.55 6.71 -2.89
N ASP A 102 -5.66 6.25 -3.48
CA ASP A 102 -6.13 4.89 -3.24
C ASP A 102 -5.28 3.73 -3.89
N ILE A 103 -4.31 4.12 -4.69
CA ILE A 103 -3.37 3.15 -5.30
C ILE A 103 -2.68 2.28 -4.23
N THR A 104 -2.32 2.87 -3.09
CA THR A 104 -1.66 2.17 -1.99
CA THR A 104 -1.57 2.09 -2.10
C THR A 104 -2.39 0.94 -1.47
N TYR A 105 -3.72 0.98 -1.56
CA TYR A 105 -4.56 -0.07 -1.03
C TYR A 105 -5.00 -1.11 -2.07
N SER A 106 -4.56 -0.93 -3.31
CA SER A 106 -5.07 -1.76 -4.41
C SER A 106 -4.31 -3.08 -4.57
N GLY A 107 -5.05 -4.17 -4.60
CA GLY A 107 -4.50 -5.47 -4.90
C GLY A 107 -4.05 -5.58 -6.36
N THR A 108 -4.80 -4.94 -7.24
CA THR A 108 -4.40 -5.00 -8.66
C THR A 108 -3.03 -4.33 -8.83
N VAL A 109 -2.87 -3.16 -8.23
CA VAL A 109 -1.61 -2.45 -8.34
C VAL A 109 -0.48 -3.27 -7.68
N SER A 110 -0.76 -3.86 -6.52
CA SER A 110 0.29 -4.60 -5.82
C SER A 110 0.79 -5.82 -6.60
N GLY A 111 -0.08 -6.42 -7.41
CA GLY A 111 0.38 -7.51 -8.31
C GLY A 111 1.46 -7.00 -9.27
N ALA A 112 1.22 -5.85 -9.89
CA ALA A 112 2.22 -5.27 -10.80
C ALA A 112 3.50 -4.88 -10.01
N MET A 113 3.32 -4.31 -8.82
CA MET A 113 4.46 -3.98 -7.98
C MET A 113 5.34 -5.19 -7.71
N GLU A 114 4.71 -6.29 -7.38
CA GLU A 114 5.44 -7.53 -7.10
C GLU A 114 6.24 -8.02 -8.32
N GLY A 115 5.62 -7.90 -9.49
CA GLY A 115 6.40 -8.23 -10.70
C GLY A 115 7.66 -7.40 -10.80
N ARG A 116 7.55 -6.08 -10.55
CA ARG A 116 8.70 -5.20 -10.67
CA ARG A 116 8.69 -5.18 -10.67
C ARG A 116 9.71 -5.49 -9.55
N ILE A 117 9.24 -5.89 -8.36
CA ILE A 117 10.16 -6.29 -7.26
C ILE A 117 11.02 -7.47 -7.71
N LEU A 118 10.39 -8.37 -8.48
CA LEU A 118 11.07 -9.55 -9.00
C LEU A 118 11.94 -9.27 -10.21
N GLY A 119 12.00 -8.01 -10.66
CA GLY A 119 12.85 -7.65 -11.77
C GLY A 119 12.22 -7.80 -13.13
N ILE A 120 10.88 -7.76 -13.15
CA ILE A 120 10.13 -7.96 -14.42
C ILE A 120 9.32 -6.69 -14.70
N PRO A 121 9.36 -6.15 -15.93
CA PRO A 121 8.55 -4.98 -16.26
C PRO A 121 7.06 -5.34 -16.05
N SER A 122 6.30 -4.37 -15.51
CA SER A 122 4.96 -4.70 -15.03
C SER A 122 3.96 -3.58 -15.22
N ILE A 123 2.69 -3.95 -15.41
CA ILE A 123 1.61 -3.01 -15.68
C ILE A 123 0.35 -3.50 -14.99
N ALA A 124 -0.32 -2.56 -14.33
CA ALA A 124 -1.67 -2.77 -13.73
C ALA A 124 -2.70 -2.10 -14.65
N PHE A 125 -3.85 -2.76 -14.87
CA PHE A 125 -4.93 -2.19 -15.66
C PHE A 125 -6.21 -2.24 -14.82
N SER A 126 -6.90 -1.10 -14.78
CA SER A 126 -8.16 -0.96 -14.05
C SER A 126 -9.17 -0.22 -14.92
N ALA A 127 -10.45 -0.64 -14.82
CA ALA A 127 -11.58 -0.02 -15.51
C ALA A 127 -12.20 1.12 -14.69
N PHE A 128 -12.31 2.30 -15.29
CA PHE A 128 -12.97 3.44 -14.67
C PHE A 128 -14.42 3.40 -15.09
N GLY A 129 -15.16 2.66 -14.27
CA GLY A 129 -16.60 2.46 -14.44
C GLY A 129 -17.11 1.74 -13.21
N ARG A 130 -18.42 1.69 -13.07
CA ARG A 130 -19.05 0.95 -11.95
C ARG A 130 -19.92 -0.18 -12.52
N GLU A 131 -20.85 0.20 -13.40
CA GLU A 131 -21.84 -0.73 -13.95
C GLU A 131 -21.62 -0.93 -15.43
N ASN A 132 -21.97 -2.12 -15.89
CA ASN A 132 -21.95 -2.47 -17.31
C ASN A 132 -20.60 -2.10 -17.91
N ILE A 133 -19.55 -2.61 -17.28
CA ILE A 133 -18.22 -2.32 -17.79
C ILE A 133 -17.94 -3.17 -19.04
N MET A 134 -17.48 -2.49 -20.07
CA MET A 134 -17.18 -3.12 -21.37
C MET A 134 -15.74 -3.66 -21.39
N PHE A 135 -15.50 -4.74 -20.66
CA PHE A 135 -14.14 -5.28 -20.53
C PHE A 135 -13.51 -5.67 -21.86
N GLU A 136 -14.29 -6.16 -22.83
CA GLU A 136 -13.68 -6.51 -24.11
C GLU A 136 -13.24 -5.30 -24.91
N GLU A 137 -13.99 -4.19 -24.82
CA GLU A 137 -13.54 -2.95 -25.42
C GLU A 137 -12.29 -2.43 -24.73
N ILE A 138 -12.28 -2.47 -23.41
CA ILE A 138 -11.13 -2.00 -22.64
C ILE A 138 -9.88 -2.81 -22.97
N ALA A 139 -10.05 -4.12 -23.16
CA ALA A 139 -8.89 -4.98 -23.44
C ALA A 139 -8.17 -4.57 -24.70
N LYS A 140 -8.93 -4.01 -25.67
CA LYS A 140 -8.29 -3.58 -26.92
C LYS A 140 -7.23 -2.51 -26.68
N VAL A 141 -7.51 -1.54 -25.80
CA VAL A 141 -6.49 -0.53 -25.57
C VAL A 141 -5.35 -1.11 -24.68
N CYS A 142 -5.68 -2.06 -23.79
CA CYS A 142 -4.62 -2.69 -22.99
C CYS A 142 -3.59 -3.36 -23.92
N VAL A 143 -4.08 -4.08 -24.93
CA VAL A 143 -3.19 -4.76 -25.85
C VAL A 143 -2.37 -3.75 -26.68
N ASP A 144 -2.97 -2.62 -27.04
CA ASP A 144 -2.23 -1.56 -27.74
C ASP A 144 -1.03 -1.13 -26.89
N ILE A 145 -1.28 -0.94 -25.60
CA ILE A 145 -0.21 -0.52 -24.69
C ILE A 145 0.87 -1.59 -24.54
N VAL A 146 0.44 -2.84 -24.34
CA VAL A 146 1.40 -3.95 -24.21
C VAL A 146 2.29 -4.03 -25.46
N LYS A 147 1.66 -3.90 -26.63
CA LYS A 147 2.45 -3.96 -27.87
C LYS A 147 3.56 -2.91 -27.91
N LYS A 148 3.21 -1.69 -27.53
CA LYS A 148 4.19 -0.61 -27.50
C LYS A 148 5.26 -0.83 -26.44
N VAL A 149 4.87 -1.31 -25.27
CA VAL A 149 5.84 -1.52 -24.21
C VAL A 149 6.83 -2.62 -24.59
N LEU A 150 6.33 -3.67 -25.26
CA LEU A 150 7.26 -4.71 -25.69
C LEU A 150 8.31 -4.17 -26.65
N ASN A 151 7.94 -3.18 -27.42
CA ASN A 151 8.86 -2.54 -28.36
CA ASN A 151 8.86 -2.55 -28.37
C ASN A 151 9.81 -1.54 -27.74
N GLU A 152 9.31 -0.73 -26.80
CA GLU A 152 10.09 0.41 -26.33
C GLU A 152 10.57 0.31 -24.88
N GLY A 153 9.85 -0.44 -24.05
CA GLY A 153 10.27 -0.66 -22.68
C GLY A 153 9.79 0.36 -21.67
N ILE A 154 10.01 0.00 -20.40
CA ILE A 154 9.59 0.81 -19.23
C ILE A 154 10.90 1.20 -18.52
N PRO A 155 10.98 2.51 -18.15
N PRO A 155 11.01 2.38 -17.89
CA PRO A 155 12.17 3.12 -17.60
CA PRO A 155 12.22 2.46 -17.01
C PRO A 155 12.48 2.66 -16.18
C PRO A 155 12.32 1.38 -15.89
N GLU A 156 13.59 3.19 -15.70
N GLU A 156 13.54 0.99 -15.49
CA GLU A 156 14.14 2.86 -14.39
CA GLU A 156 13.72 -0.17 -14.58
C GLU A 156 13.13 3.03 -13.26
C GLU A 156 13.26 0.01 -13.09
N ASP A 157 13.19 2.12 -12.28
N ASP A 157 13.11 1.27 -12.66
CA ASP A 157 12.52 2.30 -10.98
CA ASP A 157 12.71 1.67 -11.29
C ASP A 157 11.07 2.57 -11.27
C ASP A 157 11.21 2.11 -11.13
N THR A 158 10.45 1.79 -12.17
CA THR A 158 9.09 2.18 -12.47
C THR A 158 8.24 0.95 -12.80
N TYR A 159 6.96 1.07 -12.50
CA TYR A 159 5.94 0.17 -13.07
C TYR A 159 4.75 1.04 -13.42
N LEU A 160 3.90 0.58 -14.34
CA LEU A 160 2.82 1.41 -14.86
C LEU A 160 1.47 1.09 -14.22
N ASN A 161 0.73 2.15 -13.94
CA ASN A 161 -0.62 2.08 -13.44
C ASN A 161 -1.58 2.68 -14.46
N VAL A 162 -2.40 1.81 -15.08
CA VAL A 162 -3.24 2.24 -16.23
C VAL A 162 -4.70 2.16 -15.84
N ASN A 163 -5.45 3.25 -16.08
CA ASN A 163 -6.91 3.25 -15.88
C ASN A 163 -7.53 3.58 -17.22
N ILE A 164 -8.59 2.85 -17.55
CA ILE A 164 -9.26 3.02 -18.86
C ILE A 164 -10.71 3.36 -18.65
N PRO A 165 -11.18 4.46 -19.28
CA PRO A 165 -12.60 4.77 -19.22
C PRO A 165 -13.51 3.68 -19.78
N ASN A 166 -14.73 3.60 -19.26
CA ASN A 166 -15.70 2.64 -19.73
C ASN A 166 -16.38 3.14 -20.99
N LEU A 167 -15.62 3.10 -22.08
CA LEU A 167 -16.09 3.53 -23.38
C LEU A 167 -15.79 2.49 -24.43
N ARG A 168 -16.55 2.54 -25.53
CA ARG A 168 -16.14 1.76 -26.66
C ARG A 168 -14.77 2.19 -27.14
N TYR A 169 -14.00 1.23 -27.67
CA TYR A 169 -12.64 1.48 -28.12
C TYR A 169 -12.54 2.70 -29.02
N GLU A 170 -13.47 2.82 -29.96
CA GLU A 170 -13.40 3.91 -30.91
C GLU A 170 -13.75 5.27 -30.31
N GLU A 171 -14.37 5.27 -29.13
CA GLU A 171 -14.73 6.49 -28.42
C GLU A 171 -13.64 6.96 -27.44
N ILE A 172 -12.64 6.14 -27.18
CA ILE A 172 -11.52 6.57 -26.31
C ILE A 172 -10.82 7.72 -27.02
N LYS A 173 -10.57 8.82 -26.31
CA LYS A 173 -10.03 10.00 -26.96
C LYS A 173 -8.54 9.93 -27.22
N GLY A 174 -7.84 9.13 -26.42
CA GLY A 174 -6.42 9.03 -26.57
C GLY A 174 -5.88 8.45 -25.27
N ILE A 175 -4.56 8.40 -25.23
CA ILE A 175 -3.81 7.91 -24.06
C ILE A 175 -2.96 9.08 -23.59
N LYS A 176 -2.99 9.32 -22.27
CA LYS A 176 -2.21 10.35 -21.63
C LYS A 176 -1.33 9.76 -20.52
N VAL A 177 -0.09 10.21 -20.50
CA VAL A 177 0.80 10.01 -19.36
C VAL A 177 0.37 11.00 -18.26
N THR A 178 0.17 10.49 -17.05
CA THR A 178 -0.46 11.25 -15.97
C THR A 178 0.36 11.09 -14.66
N ARG A 179 0.14 12.03 -13.73
CA ARG A 179 0.59 11.86 -12.36
C ARG A 179 -0.53 11.31 -11.47
N GLN A 180 -0.15 10.76 -10.32
CA GLN A 180 -1.09 10.34 -9.31
C GLN A 180 -1.79 11.61 -8.77
N GLY A 181 -3.12 11.64 -8.83
CA GLY A 181 -3.87 12.76 -8.31
C GLY A 181 -4.06 12.62 -6.81
N LYS A 182 -4.62 13.65 -6.22
N LYS A 182 -4.68 13.61 -6.20
CA LYS A 182 -5.11 13.54 -4.86
CA LYS A 182 -5.04 13.51 -4.78
C LYS A 182 -6.60 13.24 -5.03
C LYS A 182 -6.25 12.53 -4.62
N ARG A 183 -7.30 12.95 -3.95
CA ARG A 183 -8.59 12.30 -4.07
C ARG A 183 -9.55 13.30 -4.67
N ALA A 184 -10.18 12.92 -5.78
CA ALA A 184 -11.03 13.86 -6.52
C ALA A 184 -12.43 13.83 -5.92
N TYR A 185 -12.53 14.10 -4.62
CA TYR A 185 -13.83 14.25 -3.94
C TYR A 185 -13.67 14.97 -2.59
N LYS A 186 -14.80 15.45 -2.07
CA LYS A 186 -14.88 16.13 -0.78
C LYS A 186 -15.38 15.12 0.25
N GLU A 187 -14.69 15.03 1.37
CA GLU A 187 -15.06 14.10 2.42
C GLU A 187 -15.96 14.79 3.44
N ARG A 188 -17.09 14.16 3.74
CA ARG A 188 -18.01 14.65 4.77
C ARG A 188 -18.41 13.48 5.65
N VAL A 189 -18.41 13.67 6.97
CA VAL A 189 -18.83 12.63 7.91
C VAL A 189 -20.22 12.94 8.41
N PHE A 190 -21.11 11.94 8.31
CA PHE A 190 -22.51 12.05 8.77
C PHE A 190 -22.61 11.29 10.09
N LYS A 191 -23.31 11.86 11.07
CA LYS A 191 -23.49 11.27 12.39
C LYS A 191 -24.92 10.74 12.50
N TYR A 192 -25.02 9.58 13.12
CA TYR A 192 -26.28 8.90 13.41
C TYR A 192 -26.29 8.46 14.86
N ILE A 193 -27.48 8.12 15.37
CA ILE A 193 -27.59 7.47 16.68
C ILE A 193 -28.21 6.08 16.58
N ASP A 194 -27.54 5.06 17.13
CA ASP A 194 -28.00 3.69 17.01
C ASP A 194 -29.23 3.44 17.92
N PRO A 195 -29.88 2.27 17.79
CA PRO A 195 -31.07 1.96 18.58
C PRO A 195 -30.92 1.97 20.09
N TYR A 196 -29.66 1.93 20.56
CA TYR A 196 -29.31 1.91 21.99
C TYR A 196 -28.79 3.28 22.46
N GLY A 197 -28.88 4.30 21.61
CA GLY A 197 -28.47 5.68 21.95
C GLY A 197 -27.01 6.05 21.76
N LYS A 198 -26.24 5.19 21.08
CA LYS A 198 -24.81 5.39 20.91
C LYS A 198 -24.50 5.84 19.47
N PRO A 199 -23.48 6.71 19.31
CA PRO A 199 -23.19 7.30 18.01
C PRO A 199 -22.53 6.38 17.01
N PHE A 200 -22.84 6.63 15.75
CA PHE A 200 -22.08 5.99 14.67
C PHE A 200 -22.01 6.96 13.49
N TYR A 201 -21.09 6.69 12.57
CA TYR A 201 -20.66 7.70 11.61
C TYR A 201 -20.59 7.06 10.23
N TRP A 202 -20.79 7.87 9.21
CA TRP A 202 -20.64 7.38 7.85
C TRP A 202 -19.77 8.41 7.11
N ILE A 203 -18.60 7.97 6.64
CA ILE A 203 -17.71 8.80 5.86
C ILE A 203 -18.20 8.79 4.41
N ALA A 204 -18.63 9.96 3.95
CA ALA A 204 -19.17 10.10 2.60
C ALA A 204 -18.19 10.80 1.67
N ALA A 205 -18.17 10.35 0.42
CA ALA A 205 -17.44 11.02 -0.65
C ALA A 205 -18.45 11.85 -1.49
N GLU A 206 -18.22 13.16 -1.56
CA GLU A 206 -19.12 14.12 -2.20
CA GLU A 206 -19.13 14.06 -2.25
C GLU A 206 -18.42 14.78 -3.38
N GLU A 207 -19.20 15.32 -4.33
CA GLU A 207 -18.64 16.10 -5.43
C GLU A 207 -17.48 15.41 -6.18
N PHE A 208 -17.67 14.14 -6.55
CA PHE A 208 -16.62 13.38 -7.26
C PHE A 208 -16.22 14.04 -8.59
N GLY A 209 -14.93 14.35 -8.72
CA GLY A 209 -14.39 14.92 -9.96
C GLY A 209 -14.74 16.38 -10.26
N TRP A 210 -15.44 17.06 -9.37
CA TRP A 210 -15.86 18.45 -9.63
C TRP A 210 -14.69 19.41 -9.82
N HIS A 211 -13.54 19.08 -9.22
CA HIS A 211 -12.37 19.94 -9.23
C HIS A 211 -11.10 19.20 -9.71
N ALA A 212 -11.27 18.26 -10.67
CA ALA A 212 -10.16 17.45 -11.20
C ALA A 212 -9.11 18.33 -11.87
N GLU A 213 -7.84 18.13 -11.52
CA GLU A 213 -6.72 18.93 -12.08
C GLU A 213 -6.13 18.29 -13.36
N GLU A 214 -6.05 19.05 -14.46
CA GLU A 214 -5.46 18.54 -15.69
C GLU A 214 -4.02 18.07 -15.42
N GLY A 215 -3.68 16.92 -15.97
CA GLY A 215 -2.36 16.30 -15.73
C GLY A 215 -2.46 15.10 -14.81
N THR A 216 -3.54 15.00 -14.05
CA THR A 216 -3.75 13.88 -13.13
C THR A 216 -4.43 12.67 -13.79
N ASP A 217 -4.27 11.51 -13.16
CA ASP A 217 -4.98 10.30 -13.56
C ASP A 217 -6.50 10.50 -13.58
N TYR A 218 -7.03 11.10 -12.53
CA TYR A 218 -8.48 11.34 -12.45
C TYR A 218 -8.94 12.19 -13.63
N TRP A 219 -8.24 13.28 -13.90
CA TRP A 219 -8.72 14.19 -14.99
C TRP A 219 -8.76 13.44 -16.31
N ALA A 220 -7.74 12.63 -16.58
CA ALA A 220 -7.65 11.95 -17.88
C ALA A 220 -8.87 11.06 -18.05
N VAL A 221 -9.17 10.19 -17.10
CA VAL A 221 -10.27 9.24 -17.26
C VAL A 221 -11.64 9.93 -17.23
N LEU A 222 -11.78 10.97 -16.41
CA LEU A 222 -13.04 11.75 -16.35
C LEU A 222 -13.36 12.39 -17.71
N ASN A 223 -12.31 12.67 -18.48
CA ASN A 223 -12.44 13.31 -19.78
C ASN A 223 -12.28 12.37 -20.97
N GLY A 224 -12.32 11.06 -20.72
CA GLY A 224 -12.36 10.08 -21.81
C GLY A 224 -11.03 9.65 -22.39
N TYR A 225 -9.95 9.88 -21.64
CA TYR A 225 -8.63 9.45 -22.03
C TYR A 225 -8.18 8.29 -21.11
N VAL A 226 -7.36 7.41 -21.66
CA VAL A 226 -6.63 6.43 -20.86
C VAL A 226 -5.57 7.19 -20.07
N SER A 227 -5.43 6.82 -18.78
CA SER A 227 -4.39 7.34 -17.91
C SER A 227 -3.30 6.30 -17.74
N VAL A 228 -2.05 6.70 -17.96
CA VAL A 228 -0.89 5.84 -17.66
C VAL A 228 0.03 6.62 -16.73
N THR A 229 0.14 6.16 -15.46
CA THR A 229 1.00 6.82 -14.48
C THR A 229 2.23 5.92 -14.21
N PRO A 230 3.43 6.48 -14.35
CA PRO A 230 4.64 5.74 -13.97
C PRO A 230 4.80 5.91 -12.44
N LEU A 231 4.83 4.79 -11.75
CA LEU A 231 4.96 4.78 -10.28
C LEU A 231 6.37 4.35 -9.89
N HIS A 232 6.87 4.98 -8.83
CA HIS A 232 8.09 4.55 -8.18
C HIS A 232 7.91 3.19 -7.54
N LEU A 233 8.91 2.30 -7.70
CA LEU A 233 8.99 1.13 -6.85
C LEU A 233 9.59 1.52 -5.48
N ASP A 234 10.64 2.33 -5.51
CA ASP A 234 11.34 2.73 -4.28
C ASP A 234 10.61 3.95 -3.74
N LEU A 235 10.09 3.82 -2.52
CA LEU A 235 9.32 4.87 -1.88
C LEU A 235 10.20 5.94 -1.23
N THR A 236 11.52 5.69 -1.15
CA THR A 236 12.39 6.60 -0.38
C THR A 236 12.43 7.99 -1.00
N ASN A 237 12.25 9.02 -0.19
CA ASN A 237 12.46 10.38 -0.65
C ASN A 237 13.90 10.78 -0.46
N TYR A 238 14.75 10.39 -1.41
CA TYR A 238 16.22 10.64 -1.26
C TYR A 238 16.61 12.12 -1.11
N LYS A 239 15.92 12.99 -1.82
CA LYS A 239 16.26 14.40 -1.85
C LYS A 239 16.26 14.98 -0.44
N VAL A 240 15.30 14.57 0.40
CA VAL A 240 15.11 15.20 1.69
C VAL A 240 15.83 14.56 2.84
N MET A 241 16.63 13.53 2.59
CA MET A 241 17.33 12.89 3.71
C MET A 241 18.16 13.88 4.52
N LYS A 242 18.81 14.80 3.83
CA LYS A 242 19.67 15.78 4.50
C LYS A 242 18.90 16.65 5.50
N SER A 243 17.59 16.83 5.25
CA SER A 243 16.77 17.68 6.08
C SER A 243 16.18 16.97 7.30
N ILE A 244 16.44 15.67 7.46
CA ILE A 244 16.06 14.98 8.68
C ILE A 244 17.28 14.36 9.38
N LYS A 245 18.49 14.73 8.95
CA LYS A 245 19.69 14.21 9.60
C LYS A 245 19.82 14.77 11.04
N TYR A 246 19.06 15.80 11.38
CA TYR A 246 19.03 16.28 12.77
C TYR A 246 18.56 15.18 13.73
N LEU A 247 17.85 14.17 13.21
CA LEU A 247 17.39 13.09 14.04
C LEU A 247 18.52 12.17 14.51
N GLU A 248 19.67 12.22 13.84
CA GLU A 248 20.82 11.41 14.18
C GLU A 248 21.66 12.04 15.31
N ASP A 249 21.39 13.30 15.61
CA ASP A 249 22.23 14.05 16.59
C ASP A 249 21.97 13.51 18.00
N PRO B 2 1.07 21.10 22.47
CA PRO B 2 0.85 20.36 21.20
C PRO B 2 -0.17 19.28 21.40
N THR B 3 -0.73 18.78 20.29
CA THR B 3 -1.72 17.72 20.32
C THR B 3 -1.34 16.70 19.27
N PHE B 4 -1.43 15.43 19.68
CA PHE B 4 -1.15 14.32 18.79
C PHE B 4 -2.37 13.46 18.60
N LEU B 5 -2.60 13.05 17.33
CA LEU B 5 -3.63 12.06 17.04
C LEU B 5 -2.87 10.74 16.85
N LEU B 6 -3.14 9.77 17.72
CA LEU B 6 -2.40 8.50 17.80
C LEU B 6 -3.34 7.37 17.45
N VAL B 7 -2.93 6.60 16.42
CA VAL B 7 -3.68 5.47 15.92
C VAL B 7 -2.77 4.24 15.89
N ASN B 8 -3.36 3.09 15.64
CA ASN B 8 -2.57 1.90 15.35
C ASN B 8 -3.38 0.94 14.50
N ASP B 9 -2.80 -0.24 14.27
CA ASP B 9 -3.44 -1.33 13.52
C ASP B 9 -3.72 -2.55 14.38
N ASP B 10 -3.12 -2.62 15.58
CA ASP B 10 -3.19 -3.80 16.42
C ASP B 10 -4.36 -3.78 17.38
N GLY B 11 -4.96 -2.60 17.56
CA GLY B 11 -6.08 -2.48 18.50
C GLY B 11 -5.74 -1.53 19.64
N TYR B 12 -6.78 -0.90 20.20
CA TYR B 12 -6.58 0.15 21.23
C TYR B 12 -5.96 -0.38 22.50
N PHE B 13 -6.08 -1.69 22.70
CA PHE B 13 -5.60 -2.37 23.91
C PHE B 13 -4.15 -2.87 23.81
N SER B 14 -3.51 -2.71 22.65
CA SER B 14 -2.21 -3.32 22.44
C SER B 14 -1.16 -2.63 23.31
N PRO B 15 -0.16 -3.39 23.77
CA PRO B 15 0.88 -2.76 24.58
C PRO B 15 1.63 -1.64 23.84
N GLY B 16 1.76 -1.75 22.51
CA GLY B 16 2.55 -0.80 21.77
C GLY B 16 1.90 0.60 21.72
N ILE B 17 0.58 0.67 21.51
CA ILE B 17 -0.07 1.99 21.43
C ILE B 17 -0.16 2.59 22.82
N ASN B 18 -0.38 1.71 23.80
CA ASN B 18 -0.46 2.21 25.18
C ASN B 18 0.88 2.73 25.70
N ALA B 19 1.94 2.01 25.39
CA ALA B 19 3.29 2.47 25.80
C ALA B 19 3.60 3.84 25.19
N LEU B 20 3.23 4.00 23.91
CA LEU B 20 3.53 5.24 23.21
C LEU B 20 2.67 6.36 23.79
N ARG B 21 1.39 6.08 23.99
CA ARG B 21 0.50 7.09 24.57
CA ARG B 21 0.46 7.02 24.60
C ARG B 21 1.05 7.58 25.91
N GLU B 22 1.43 6.65 26.78
CA GLU B 22 1.88 7.07 28.13
CA GLU B 22 1.92 7.02 28.13
C GLU B 22 3.11 7.96 28.04
N ALA B 23 4.10 7.56 27.22
CA ALA B 23 5.33 8.32 27.04
C ALA B 23 5.11 9.71 26.45
N LEU B 24 4.15 9.81 25.52
CA LEU B 24 3.93 11.07 24.83
C LEU B 24 3.26 12.16 25.68
N LYS B 25 2.64 11.73 26.78
CA LYS B 25 1.94 12.71 27.63
C LYS B 25 2.82 13.90 28.05
N SER B 26 4.13 13.65 28.22
CA SER B 26 5.03 14.72 28.65
CA SER B 26 5.08 14.69 28.63
C SER B 26 5.26 15.78 27.57
N LEU B 27 4.87 15.49 26.31
CA LEU B 27 5.07 16.46 25.23
C LEU B 27 3.80 17.21 24.83
N GLY B 28 2.65 16.67 25.19
CA GLY B 28 1.39 17.29 24.76
C GLY B 28 0.18 16.42 25.06
N ARG B 29 -0.95 16.75 24.42
CA ARG B 29 -2.18 16.00 24.62
CA ARG B 29 -2.20 16.05 24.59
C ARG B 29 -2.27 14.90 23.58
N VAL B 30 -2.46 13.67 24.06
CA VAL B 30 -2.52 12.50 23.20
C VAL B 30 -3.99 12.14 23.04
N VAL B 31 -4.48 12.17 21.79
CA VAL B 31 -5.83 11.78 21.49
C VAL B 31 -5.73 10.47 20.71
N VAL B 32 -6.23 9.40 21.31
CA VAL B 32 -6.15 8.06 20.69
C VAL B 32 -7.43 7.77 19.99
N VAL B 33 -7.31 7.30 18.74
CA VAL B 33 -8.46 6.71 18.05
C VAL B 33 -7.90 5.46 17.37
N ALA B 34 -8.37 4.30 17.79
CA ALA B 34 -7.71 3.05 17.32
C ALA B 34 -8.76 1.94 17.10
N PRO B 35 -8.40 0.94 16.29
CA PRO B 35 -9.36 -0.13 16.06
C PRO B 35 -9.68 -0.92 17.33
N ASP B 36 -10.80 -1.64 17.33
CA ASP B 36 -11.16 -2.48 18.47
C ASP B 36 -10.63 -3.92 18.34
N ARG B 37 -9.79 -4.17 17.33
CA ARG B 37 -9.28 -5.52 17.02
C ARG B 37 -8.02 -5.35 16.19
N ASN B 38 -7.26 -6.43 16.08
CA ASN B 38 -6.06 -6.46 15.30
C ASN B 38 -6.41 -6.63 13.83
N LEU B 39 -6.09 -5.62 13.02
CA LEU B 39 -6.39 -5.62 11.55
C LEU B 39 -5.15 -5.84 10.67
N SER B 40 -4.06 -6.32 11.26
CA SER B 40 -2.82 -6.47 10.54
C SER B 40 -2.97 -7.35 9.28
N GLY B 41 -3.79 -8.39 9.39
CA GLY B 41 -3.86 -9.40 8.31
C GLY B 41 -4.83 -9.11 7.19
N VAL B 42 -5.57 -8.00 7.28
CA VAL B 42 -6.74 -7.76 6.46
C VAL B 42 -6.63 -6.42 5.76
N GLY B 43 -7.75 -5.90 5.25
CA GLY B 43 -7.72 -4.66 4.49
C GLY B 43 -7.51 -3.44 5.38
N HIS B 44 -6.91 -2.42 4.78
CA HIS B 44 -6.59 -1.19 5.49
C HIS B 44 -7.18 0.06 4.86
N SER B 45 -8.00 -0.08 3.82
CA SER B 45 -8.46 1.10 3.13
C SER B 45 -9.49 1.90 3.95
N LEU B 46 -9.75 3.09 3.47
CA LEU B 46 -10.80 3.96 4.06
C LEU B 46 -12.18 3.40 3.70
N THR B 47 -13.06 3.31 4.69
CA THR B 47 -14.40 2.65 4.60
C THR B 47 -15.40 3.74 4.13
N PHE B 48 -15.91 3.66 2.90
CA PHE B 48 -16.82 4.69 2.33
C PHE B 48 -18.27 4.27 2.24
N THR B 49 -18.47 2.98 2.34
CA THR B 49 -19.71 2.35 1.97
C THR B 49 -20.33 1.50 3.10
N GLU B 50 -19.80 1.62 4.32
CA GLU B 50 -20.52 1.13 5.49
C GLU B 50 -20.23 2.15 6.56
N PRO B 51 -21.14 2.28 7.51
CA PRO B 51 -20.93 3.16 8.64
C PRO B 51 -20.02 2.51 9.69
N LEU B 52 -19.58 3.33 10.64
CA LEU B 52 -18.61 2.92 11.63
C LEU B 52 -19.06 3.38 13.02
N LYS B 53 -19.10 2.44 13.95
CA LYS B 53 -19.36 2.78 15.35
C LYS B 53 -18.07 3.32 15.94
N MET B 54 -18.18 4.38 16.72
CA MET B 54 -17.00 4.86 17.46
C MET B 54 -17.45 5.11 18.88
N ARG B 55 -16.68 4.51 19.79
CA ARG B 55 -17.04 4.46 21.21
CA ARG B 55 -17.00 4.40 21.23
C ARG B 55 -15.93 5.08 22.05
N LYS B 56 -16.34 5.83 23.07
CA LYS B 56 -15.39 6.49 23.96
C LYS B 56 -15.03 5.51 25.07
N ILE B 57 -13.75 5.21 25.19
CA ILE B 57 -13.25 4.35 26.26
C ILE B 57 -12.89 5.20 27.50
N ASP B 58 -12.33 6.39 27.26
CA ASP B 58 -11.98 7.33 28.35
C ASP B 58 -11.74 8.68 27.71
N THR B 59 -11.43 9.69 28.50
CA THR B 59 -11.24 11.02 27.94
CA THR B 59 -11.17 11.02 27.95
C THR B 59 -10.10 10.91 26.88
N ASP B 60 -10.37 11.49 25.71
CA ASP B 60 -9.38 11.47 24.62
C ASP B 60 -8.94 10.07 24.18
N PHE B 61 -9.80 9.06 24.35
CA PHE B 61 -9.42 7.69 24.03
C PHE B 61 -10.63 6.99 23.45
N TYR B 62 -10.57 6.77 22.14
CA TYR B 62 -11.73 6.27 21.38
C TYR B 62 -11.35 5.05 20.58
N THR B 63 -12.34 4.19 20.37
CA THR B 63 -12.14 3.07 19.45
C THR B 63 -13.18 3.12 18.33
N VAL B 64 -12.73 2.72 17.14
CA VAL B 64 -13.60 2.58 15.98
C VAL B 64 -13.79 1.08 15.75
N ILE B 65 -15.02 0.64 15.85
CA ILE B 65 -15.33 -0.77 15.79
C ILE B 65 -15.13 -1.26 14.35
N ASP B 66 -14.17 -2.18 14.19
CA ASP B 66 -13.74 -2.67 12.87
C ASP B 66 -13.26 -1.53 11.94
N GLY B 67 -12.75 -0.45 12.55
CA GLY B 67 -12.21 0.66 11.78
C GLY B 67 -10.75 0.47 11.41
N THR B 68 -10.40 0.70 10.15
CA THR B 68 -8.99 0.63 9.72
C THR B 68 -8.22 1.84 10.29
N PRO B 69 -6.87 1.77 10.32
CA PRO B 69 -6.11 2.98 10.71
C PRO B 69 -6.54 4.23 9.94
N ALA B 70 -6.78 4.05 8.63
CA ALA B 70 -7.25 5.16 7.81
C ALA B 70 -8.58 5.77 8.36
N ASP B 71 -9.54 4.89 8.68
CA ASP B 71 -10.83 5.31 9.25
C ASP B 71 -10.55 6.08 10.55
N CYS B 72 -9.67 5.53 11.37
CA CYS B 72 -9.34 6.17 12.67
C CYS B 72 -8.75 7.58 12.47
N VAL B 73 -7.83 7.73 11.52
CA VAL B 73 -7.22 9.03 11.29
C VAL B 73 -8.32 10.03 10.84
N HIS B 74 -9.14 9.59 9.89
CA HIS B 74 -10.14 10.49 9.32
C HIS B 74 -11.25 10.83 10.32
N LEU B 75 -11.71 9.85 11.07
CA LEU B 75 -12.72 10.16 12.10
C LEU B 75 -12.08 10.98 13.24
N GLY B 76 -10.85 10.64 13.59
CA GLY B 76 -10.14 11.42 14.64
C GLY B 76 -10.05 12.88 14.28
N TYR B 77 -9.70 13.16 13.03
CA TYR B 77 -9.49 14.52 12.59
C TYR B 77 -10.85 15.25 12.44
N ARG B 78 -11.80 14.64 11.74
CA ARG B 78 -13.04 15.34 11.40
C ARG B 78 -14.01 15.38 12.55
N VAL B 79 -14.11 14.31 13.33
CA VAL B 79 -15.12 14.23 14.40
C VAL B 79 -14.47 14.62 15.74
N ILE B 80 -13.46 13.89 16.19
CA ILE B 80 -12.95 14.09 17.55
C ILE B 80 -12.28 15.47 17.69
N LEU B 81 -11.41 15.81 16.75
CA LEU B 81 -10.69 17.08 16.74
C LEU B 81 -11.41 18.21 16.03
N GLU B 82 -12.63 17.94 15.53
CA GLU B 82 -13.47 18.98 14.93
C GLU B 82 -12.74 19.74 13.80
N GLU B 83 -11.98 18.99 12.99
CA GLU B 83 -11.27 19.54 11.85
C GLU B 83 -10.16 20.54 12.17
N LYS B 84 -9.71 20.52 13.42
CA LYS B 84 -8.53 21.27 13.84
C LYS B 84 -7.32 20.32 13.77
N LYS B 85 -6.38 20.64 12.91
CA LYS B 85 -5.26 19.74 12.69
CA LYS B 85 -5.23 19.76 12.67
C LYS B 85 -4.42 19.64 13.96
N PRO B 86 -4.08 18.41 14.35
CA PRO B 86 -3.15 18.22 15.44
C PRO B 86 -1.77 18.56 14.93
N ASP B 87 -0.79 18.60 15.84
CA ASP B 87 0.59 18.86 15.44
C ASP B 87 1.18 17.70 14.64
N LEU B 88 0.80 16.49 15.03
CA LEU B 88 1.28 15.25 14.40
C LEU B 88 0.20 14.20 14.42
N VAL B 89 0.21 13.35 13.37
CA VAL B 89 -0.47 12.07 13.42
C VAL B 89 0.63 11.02 13.62
N LEU B 90 0.41 10.14 14.59
CA LEU B 90 1.39 9.09 14.95
C LEU B 90 0.66 7.78 14.86
N SER B 91 1.35 6.75 14.38
CA SER B 91 0.76 5.46 14.21
C SER B 91 1.72 4.40 14.75
N GLY B 92 1.26 3.60 15.69
CA GLY B 92 2.10 2.57 16.30
C GLY B 92 1.94 2.58 17.82
N ILE B 93 2.88 1.96 18.54
CA ILE B 93 4.02 1.20 18.04
C ILE B 93 3.53 -0.17 17.59
N ASN B 94 3.77 -0.51 16.31
CA ASN B 94 3.38 -1.77 15.79
C ASN B 94 4.06 -2.94 16.48
N GLU B 95 3.31 -4.02 16.59
CA GLU B 95 3.79 -5.30 17.08
CA GLU B 95 3.82 -5.28 17.10
C GLU B 95 4.44 -6.03 15.90
N GLY B 96 5.60 -5.56 15.53
CA GLY B 96 6.46 -6.21 14.55
C GLY B 96 6.92 -5.14 13.57
N PRO B 97 7.92 -5.44 12.79
CA PRO B 97 8.55 -4.46 11.92
C PRO B 97 7.73 -4.12 10.66
N ASN B 98 8.08 -2.97 10.05
CA ASN B 98 7.57 -2.62 8.72
C ASN B 98 8.72 -2.03 7.91
N LEU B 99 9.45 -2.93 7.24
CA LEU B 99 10.67 -2.61 6.56
C LEU B 99 10.56 -2.96 5.08
N GLY B 100 11.37 -2.26 4.29
CA GLY B 100 11.58 -2.65 2.92
C GLY B 100 10.31 -2.64 2.11
N GLU B 101 10.22 -3.63 1.24
CA GLU B 101 9.16 -3.69 0.27
C GLU B 101 7.79 -3.98 0.93
N ASP B 102 7.78 -4.49 2.16
CA ASP B 102 6.56 -4.80 2.89
C ASP B 102 5.79 -3.54 3.45
N ILE B 103 6.44 -2.40 3.33
CA ILE B 103 5.81 -1.13 3.78
C ILE B 103 4.46 -0.87 3.09
N THR B 104 4.37 -1.22 1.80
CA THR B 104 3.17 -1.02 1.01
CA THR B 104 3.15 -0.88 1.09
C THR B 104 1.93 -1.68 1.61
N TYR B 105 2.12 -2.79 2.31
CA TYR B 105 1.04 -3.59 2.85
C TYR B 105 0.71 -3.28 4.33
N SER B 106 1.44 -2.36 4.91
CA SER B 106 1.33 -2.10 6.36
C SER B 106 0.19 -1.15 6.73
N GLY B 107 -0.64 -1.57 7.67
CA GLY B 107 -1.66 -0.71 8.23
C GLY B 107 -1.07 0.37 9.11
N THR B 108 0.00 0.04 9.81
CA THR B 108 0.63 1.07 10.65
C THR B 108 1.13 2.21 9.76
N VAL B 109 1.82 1.86 8.69
CA VAL B 109 2.36 2.88 7.77
C VAL B 109 1.20 3.65 7.12
N SER B 110 0.14 2.96 6.72
CA SER B 110 -0.97 3.64 6.04
C SER B 110 -1.64 4.69 6.96
N GLY B 111 -1.66 4.44 8.27
CA GLY B 111 -2.18 5.46 9.20
C GLY B 111 -1.40 6.75 9.09
N ALA B 112 -0.07 6.66 9.11
CA ALA B 112 0.76 7.85 8.99
C ALA B 112 0.54 8.51 7.60
N MET B 113 0.47 7.67 6.55
CA MET B 113 0.23 8.19 5.21
C MET B 113 -1.04 9.02 5.14
N GLU B 114 -2.09 8.51 5.75
CA GLU B 114 -3.37 9.22 5.78
C GLU B 114 -3.26 10.58 6.48
N GLY B 115 -2.53 10.58 7.60
CA GLY B 115 -2.30 11.89 8.25
C GLY B 115 -1.64 12.87 7.30
N ARG B 116 -0.64 12.42 6.54
CA ARG B 116 0.05 13.30 5.60
CA ARG B 116 0.04 13.31 5.61
C ARG B 116 -0.86 13.70 4.42
N ILE B 117 -1.74 12.78 4.01
CA ILE B 117 -2.72 13.11 2.95
C ILE B 117 -3.62 14.29 3.41
N LEU B 118 -3.95 14.29 4.70
CA LEU B 118 -4.77 15.34 5.30
C LEU B 118 -4.00 16.61 5.60
N GLY B 119 -2.69 16.63 5.30
CA GLY B 119 -1.91 17.84 5.48
C GLY B 119 -1.30 17.99 6.84
N ILE B 120 -1.12 16.85 7.52
CA ILE B 120 -0.56 16.86 8.88
C ILE B 120 0.74 16.08 8.88
N PRO B 121 1.80 16.61 9.49
CA PRO B 121 3.06 15.85 9.56
C PRO B 121 2.83 14.53 10.33
N SER B 122 3.46 13.45 9.88
CA SER B 122 3.08 12.13 10.36
C SER B 122 4.25 11.16 10.44
N ILE B 123 4.16 10.23 11.41
CA ILE B 123 5.21 9.26 11.70
C ILE B 123 4.59 7.94 12.07
N ALA B 124 5.10 6.88 11.46
CA ALA B 124 4.79 5.48 11.82
C ALA B 124 5.95 4.92 12.66
N PHE B 125 5.61 4.15 13.70
CA PHE B 125 6.60 3.50 14.56
C PHE B 125 6.29 2.02 14.63
N SER B 126 7.32 1.18 14.41
CA SER B 126 7.21 -0.29 14.45
C SER B 126 8.38 -0.85 15.22
N ALA B 127 8.09 -1.90 15.98
CA ALA B 127 9.11 -2.64 16.75
C ALA B 127 9.74 -3.78 15.94
N PHE B 128 11.07 -3.78 15.86
CA PHE B 128 11.81 -4.85 15.20
C PHE B 128 12.13 -5.92 16.22
N GLY B 129 11.17 -6.83 16.36
CA GLY B 129 11.25 -7.96 17.28
C GLY B 129 10.05 -8.85 17.02
N ARG B 130 10.04 -10.03 17.62
CA ARG B 130 8.86 -10.92 17.54
C ARG B 130 8.33 -11.20 18.93
N GLU B 131 9.22 -11.70 19.79
CA GLU B 131 8.87 -12.14 21.14
C GLU B 131 9.34 -11.14 22.16
N ASN B 132 8.56 -10.99 23.22
CA ASN B 132 8.95 -10.22 24.40
C ASN B 132 9.47 -8.86 24.01
N ILE B 133 8.61 -8.15 23.31
CA ILE B 133 8.99 -6.83 22.85
C ILE B 133 8.85 -5.83 24.01
N MET B 134 9.91 -5.07 24.19
CA MET B 134 10.01 -4.08 25.26
C MET B 134 9.42 -2.74 24.80
N PHE B 135 8.09 -2.67 24.73
CA PHE B 135 7.41 -1.49 24.20
C PHE B 135 7.67 -0.22 25.02
N GLU B 136 7.80 -0.34 26.36
CA GLU B 136 8.06 0.86 27.14
C GLU B 136 9.48 1.40 26.89
N GLU B 137 10.46 0.51 26.68
CA GLU B 137 11.79 0.94 26.27
C GLU B 137 11.75 1.63 24.90
N ILE B 138 11.06 0.98 23.96
CA ILE B 138 10.95 1.52 22.60
C ILE B 138 10.28 2.89 22.60
N ALA B 139 9.26 3.09 23.45
CA ALA B 139 8.55 4.37 23.49
C ALA B 139 9.45 5.53 23.83
N LYS B 140 10.50 5.24 24.62
CA LYS B 140 11.43 6.29 25.03
C LYS B 140 12.11 6.92 23.80
N VAL B 141 12.55 6.09 22.85
CA VAL B 141 13.19 6.65 21.67
C VAL B 141 12.13 7.29 20.74
N CYS B 142 10.91 6.75 20.72
CA CYS B 142 9.85 7.40 19.94
C CYS B 142 9.62 8.83 20.39
N VAL B 143 9.57 9.01 21.72
CA VAL B 143 9.37 10.35 22.27
C VAL B 143 10.55 11.28 21.96
N ASP B 144 11.77 10.75 21.98
CA ASP B 144 12.95 11.54 21.59
C ASP B 144 12.75 12.08 20.16
N ILE B 145 12.28 11.23 19.28
CA ILE B 145 12.06 11.63 17.87
C ILE B 145 10.97 12.65 17.75
N VAL B 146 9.85 12.43 18.44
CA VAL B 146 8.75 13.38 18.34
C VAL B 146 9.21 14.75 18.85
N LYS B 147 9.96 14.74 19.95
CA LYS B 147 10.42 16.05 20.48
C LYS B 147 11.24 16.83 19.43
N LYS B 148 12.14 16.12 18.74
CA LYS B 148 12.96 16.77 17.73
C LYS B 148 12.13 17.20 16.53
N VAL B 149 11.19 16.38 16.12
CA VAL B 149 10.35 16.75 14.98
C VAL B 149 9.47 17.97 15.26
N LEU B 150 8.97 18.08 16.50
CA LEU B 150 8.17 19.26 16.83
C LEU B 150 9.02 20.52 16.71
N ASN B 151 10.31 20.39 17.00
CA ASN B 151 11.23 21.53 16.92
CA ASN B 151 11.23 21.52 16.93
C ASN B 151 11.67 21.87 15.51
N GLU B 152 11.91 20.86 14.67
CA GLU B 152 12.59 21.12 13.41
C GLU B 152 11.75 20.82 12.18
N GLY B 153 10.76 19.95 12.31
CA GLY B 153 9.81 19.69 11.24
C GLY B 153 10.24 18.62 10.24
N ILE B 154 9.28 18.26 9.39
CA ILE B 154 9.43 17.15 8.39
C ILE B 154 9.27 17.86 7.03
N PRO B 155 10.20 17.52 6.08
N PRO B 155 9.98 17.45 5.98
CA PRO B 155 10.28 18.15 4.78
CA PRO B 155 9.57 18.07 4.70
C PRO B 155 9.09 17.82 3.88
C PRO B 155 8.11 17.78 4.27
N GLU B 156 9.05 18.49 2.75
N GLU B 156 7.55 18.61 3.40
CA GLU B 156 7.87 18.46 1.90
CA GLU B 156 6.15 18.41 3.04
C GLU B 156 7.56 17.06 1.41
C GLU B 156 5.74 17.15 2.19
N ASP B 157 6.30 16.82 1.02
CA ASP B 157 5.97 15.49 0.40
C ASP B 157 6.58 14.28 1.07
N THR B 158 6.57 14.27 2.41
CA THR B 158 7.26 13.23 3.13
C THR B 158 6.46 12.86 4.39
N TYR B 159 6.52 11.60 4.74
CA TYR B 159 6.18 11.17 6.11
C TYR B 159 7.23 10.18 6.54
N LEU B 160 7.38 9.93 7.85
CA LEU B 160 8.48 9.13 8.35
C LEU B 160 8.02 7.73 8.77
N ASN B 161 8.85 6.75 8.41
CA ASN B 161 8.70 5.37 8.76
C ASN B 161 9.84 4.95 9.68
N VAL B 162 9.50 4.70 10.96
CA VAL B 162 10.52 4.45 11.97
C VAL B 162 10.41 3.01 12.47
N ASN B 163 11.55 2.30 12.51
CA ASN B 163 11.60 0.97 13.09
C ASN B 163 12.65 0.98 14.21
N ILE B 164 12.28 0.38 15.34
CA ILE B 164 13.13 0.43 16.54
C ILE B 164 13.50 -0.98 16.95
N PRO B 165 14.83 -1.25 17.11
CA PRO B 165 15.22 -2.57 17.63
C PRO B 165 14.63 -2.87 19.01
N ASN B 166 14.42 -4.15 19.29
CA ASN B 166 13.93 -4.58 20.57
C ASN B 166 15.09 -4.66 21.57
N LEU B 167 15.51 -3.49 22.03
CA LEU B 167 16.63 -3.33 22.95
C LEU B 167 16.21 -2.37 24.05
N ARG B 168 16.85 -2.48 25.23
CA ARG B 168 16.69 -1.45 26.22
C ARG B 168 17.18 -0.14 25.65
N TYR B 169 16.54 0.95 26.10
CA TYR B 169 16.83 2.28 25.61
C TYR B 169 18.33 2.57 25.62
N GLU B 170 18.99 2.21 26.71
CA GLU B 170 20.42 2.50 26.83
C GLU B 170 21.32 1.68 25.94
N GLU B 171 20.78 0.58 25.39
CA GLU B 171 21.51 -0.28 24.49
C GLU B 171 21.30 0.10 23.00
N ILE B 172 20.35 0.99 22.72
CA ILE B 172 20.19 1.47 21.31
C ILE B 172 21.46 2.21 20.90
N LYS B 173 22.03 1.85 19.75
CA LYS B 173 23.30 2.42 19.34
C LYS B 173 23.20 3.85 18.85
N GLY B 174 22.03 4.21 18.32
CA GLY B 174 21.84 5.53 17.77
C GLY B 174 20.66 5.47 16.82
N ILE B 175 20.47 6.58 16.14
CA ILE B 175 19.38 6.74 15.16
C ILE B 175 20.03 7.06 13.82
N LYS B 176 19.57 6.37 12.77
CA LYS B 176 20.09 6.50 11.42
C LYS B 176 18.94 6.81 10.45
N VAL B 177 19.19 7.80 9.62
CA VAL B 177 18.34 8.06 8.45
C VAL B 177 18.70 7.00 7.41
N THR B 178 17.66 6.34 6.87
CA THR B 178 17.82 5.15 6.03
C THR B 178 16.93 5.24 4.78
N ARG B 179 17.29 4.41 3.81
CA ARG B 179 16.41 4.18 2.69
CA ARG B 179 16.46 4.13 2.63
C ARG B 179 15.63 2.89 2.85
N GLN B 180 14.53 2.76 2.09
CA GLN B 180 13.77 1.54 2.05
C GLN B 180 14.65 0.44 1.41
N GLY B 181 14.85 -0.67 2.11
CA GLY B 181 15.62 -1.79 1.57
C GLY B 181 14.80 -2.66 0.61
N LYS B 182 15.49 -3.54 -0.08
CA LYS B 182 14.86 -4.64 -0.79
C LYS B 182 14.82 -5.78 0.24
N ARG B 183 13.90 -6.72 0.09
CA ARG B 183 13.61 -7.75 1.09
C ARG B 183 14.87 -8.49 1.52
N ALA B 184 15.15 -8.43 2.81
CA ALA B 184 16.42 -8.95 3.33
C ALA B 184 16.25 -10.42 3.63
N TYR B 185 15.87 -11.18 2.61
CA TYR B 185 15.80 -12.65 2.72
C TYR B 185 15.72 -13.30 1.34
N LYS B 186 15.94 -14.60 1.31
CA LYS B 186 15.86 -15.41 0.11
C LYS B 186 14.55 -16.20 0.08
N GLU B 187 13.84 -16.13 -1.04
CA GLU B 187 12.56 -16.77 -1.14
C GLU B 187 12.74 -18.16 -1.73
N ARG B 188 12.16 -19.17 -1.07
CA ARG B 188 12.18 -20.52 -1.59
C ARG B 188 10.77 -21.12 -1.48
N VAL B 189 10.28 -21.78 -2.55
CA VAL B 189 8.97 -22.41 -2.51
C VAL B 189 9.13 -23.91 -2.30
N PHE B 190 8.41 -24.44 -1.30
CA PHE B 190 8.42 -25.88 -0.98
C PHE B 190 7.11 -26.47 -1.51
N LYS B 191 7.19 -27.64 -2.13
CA LYS B 191 6.03 -28.32 -2.68
C LYS B 191 5.67 -29.51 -1.82
N TYR B 192 4.36 -29.67 -1.64
CA TYR B 192 3.77 -30.79 -0.90
C TYR B 192 2.64 -31.41 -1.71
N ILE B 193 2.20 -32.61 -1.31
CA ILE B 193 1.04 -33.25 -1.91
C ILE B 193 -0.03 -33.48 -0.83
N ASP B 194 -1.25 -33.00 -1.08
CA ASP B 194 -2.32 -33.10 -0.09
C ASP B 194 -2.87 -34.55 0.00
N PRO B 195 -3.73 -34.85 0.99
CA PRO B 195 -4.27 -36.21 1.16
C PRO B 195 -5.02 -36.79 -0.01
N TYR B 196 -5.44 -35.92 -0.93
CA TYR B 196 -6.21 -36.30 -2.12
C TYR B 196 -5.31 -36.32 -3.37
N GLY B 197 -4.00 -36.15 -3.21
CA GLY B 197 -3.03 -36.21 -4.32
C GLY B 197 -2.76 -34.94 -5.10
N LYS B 198 -3.26 -33.80 -4.62
CA LYS B 198 -3.13 -32.54 -5.36
C LYS B 198 -2.07 -31.63 -4.69
N PRO B 199 -1.37 -30.83 -5.50
CA PRO B 199 -0.23 -30.10 -4.97
C PRO B 199 -0.60 -28.88 -4.14
N PHE B 200 0.26 -28.58 -3.18
CA PHE B 200 0.21 -27.29 -2.51
C PHE B 200 1.63 -26.84 -2.17
N TYR B 201 1.76 -25.55 -1.82
CA TYR B 201 3.04 -24.88 -1.82
C TYR B 201 3.19 -24.07 -0.56
N TRP B 202 4.41 -23.86 -0.12
CA TRP B 202 4.67 -23.00 1.00
C TRP B 202 5.82 -22.08 0.61
N ILE B 203 5.56 -20.78 0.58
CA ILE B 203 6.57 -19.79 0.27
C ILE B 203 7.34 -19.49 1.56
N ALA B 204 8.63 -19.79 1.53
CA ALA B 204 9.47 -19.69 2.72
C ALA B 204 10.44 -18.55 2.56
N ALA B 205 10.71 -17.87 3.66
CA ALA B 205 11.72 -16.82 3.74
C ALA B 205 12.97 -17.45 4.41
N GLU B 206 14.11 -17.42 3.73
CA GLU B 206 15.35 -18.04 4.20
C GLU B 206 16.42 -16.99 4.40
N GLU B 207 17.42 -17.27 5.26
CA GLU B 207 18.59 -16.41 5.38
C GLU B 207 18.26 -14.93 5.66
N PHE B 208 17.39 -14.67 6.63
CA PHE B 208 17.01 -13.29 6.95
C PHE B 208 18.23 -12.42 7.36
N GLY B 209 18.41 -11.33 6.64
CA GLY B 209 19.46 -10.36 6.97
C GLY B 209 20.90 -10.71 6.64
N TRP B 210 21.15 -11.89 6.06
CA TRP B 210 22.54 -12.35 5.77
C TRP B 210 23.30 -11.43 4.81
N HIS B 211 22.57 -10.68 4.00
CA HIS B 211 23.14 -9.85 2.93
C HIS B 211 22.65 -8.38 3.02
N ALA B 212 22.31 -7.93 4.24
CA ALA B 212 21.75 -6.58 4.45
C ALA B 212 22.72 -5.47 4.02
N GLU B 213 22.24 -4.50 3.25
CA GLU B 213 23.08 -3.45 2.69
C GLU B 213 23.15 -2.24 3.63
N GLU B 214 24.35 -1.77 4.00
CA GLU B 214 24.49 -0.59 4.86
C GLU B 214 23.80 0.61 4.20
N GLY B 215 23.02 1.35 4.97
CA GLY B 215 22.24 2.46 4.41
C GLY B 215 20.75 2.15 4.39
N THR B 216 20.40 0.88 4.43
CA THR B 216 18.99 0.47 4.40
C THR B 216 18.37 0.41 5.81
N ASP B 217 17.04 0.44 5.82
CA ASP B 217 16.28 0.26 7.04
C ASP B 217 16.62 -1.06 7.73
N TYR B 218 16.64 -2.14 6.96
CA TYR B 218 16.98 -3.45 7.53
C TYR B 218 18.34 -3.43 8.20
N TRP B 219 19.35 -2.88 7.54
CA TRP B 219 20.72 -2.96 8.08
C TRP B 219 20.77 -2.23 9.41
N ALA B 220 20.11 -1.06 9.48
CA ALA B 220 20.13 -0.23 10.70
C ALA B 220 19.61 -1.05 11.86
N VAL B 221 18.41 -1.62 11.73
CA VAL B 221 17.78 -2.29 12.88
C VAL B 221 18.51 -3.61 13.23
N LEU B 222 19.01 -4.31 12.21
CA LEU B 222 19.78 -5.56 12.42
C LEU B 222 21.03 -5.30 13.23
N ASN B 223 21.54 -4.08 13.12
CA ASN B 223 22.77 -3.68 13.81
C ASN B 223 22.55 -2.83 15.05
N GLY B 224 21.31 -2.71 15.53
CA GLY B 224 21.05 -2.05 16.80
C GLY B 224 20.80 -0.57 16.76
N TYR B 225 20.52 -0.05 15.56
CA TYR B 225 20.20 1.35 15.37
C TYR B 225 18.70 1.50 15.04
N VAL B 226 18.13 2.63 15.46
CA VAL B 226 16.80 3.05 14.99
C VAL B 226 16.94 3.42 13.52
N SER B 227 15.96 2.99 12.71
CA SER B 227 15.86 3.37 11.33
C SER B 227 14.75 4.41 11.15
N VAL B 228 15.07 5.53 10.50
CA VAL B 228 14.07 6.52 10.10
C VAL B 228 14.18 6.72 8.58
N THR B 229 13.13 6.30 7.86
CA THR B 229 13.11 6.45 6.41
C THR B 229 12.07 7.52 6.04
N PRO B 230 12.49 8.52 5.25
CA PRO B 230 11.55 9.50 4.71
C PRO B 230 10.91 8.86 3.47
N LEU B 231 9.59 8.75 3.50
CA LEU B 231 8.81 8.17 2.39
C LEU B 231 8.11 9.26 1.60
N HIS B 232 8.06 9.07 0.29
CA HIS B 232 7.23 9.90 -0.57
C HIS B 232 5.77 9.66 -0.30
N LEU B 233 4.98 10.73 -0.25
CA LEU B 233 3.55 10.60 -0.35
C LEU B 233 3.12 10.41 -1.80
N ASP B 234 3.71 11.18 -2.69
CA ASP B 234 3.39 11.12 -4.12
C ASP B 234 4.24 10.02 -4.75
N LEU B 235 3.57 9.02 -5.30
CA LEU B 235 4.24 7.85 -5.88
C LEU B 235 4.72 8.09 -7.32
N THR B 236 4.33 9.21 -7.91
CA THR B 236 4.61 9.43 -9.35
C THR B 236 6.13 9.53 -9.59
N ASN B 237 6.61 8.80 -10.57
CA ASN B 237 7.99 8.95 -11.02
C ASN B 237 8.08 10.05 -12.09
N TYR B 238 8.15 11.30 -11.62
CA TYR B 238 8.14 12.42 -12.57
C TYR B 238 9.27 12.42 -13.60
N LYS B 239 10.46 12.03 -13.15
CA LYS B 239 11.64 12.08 -14.01
C LYS B 239 11.43 11.31 -15.32
N VAL B 240 10.78 10.16 -15.20
CA VAL B 240 10.69 9.23 -16.33
C VAL B 240 9.47 9.41 -17.24
N MET B 241 8.62 10.41 -16.96
CA MET B 241 7.43 10.60 -17.81
C MET B 241 7.80 10.75 -19.28
N LYS B 242 8.85 11.50 -19.55
CA LYS B 242 9.27 11.71 -20.94
C LYS B 242 9.59 10.40 -21.67
N SER B 243 10.00 9.39 -20.91
CA SER B 243 10.41 8.11 -21.48
C SER B 243 9.25 7.16 -21.73
N ILE B 244 8.04 7.54 -21.34
CA ILE B 244 6.86 6.75 -21.71
C ILE B 244 5.85 7.55 -22.54
N LYS B 245 6.27 8.73 -23.03
CA LYS B 245 5.37 9.54 -23.87
C LYS B 245 5.10 8.86 -25.21
N TYR B 246 5.93 7.89 -25.59
CA TYR B 246 5.61 7.08 -26.77
C TYR B 246 4.22 6.41 -26.68
N LEU B 247 3.69 6.22 -25.47
CA LEU B 247 2.38 5.62 -25.32
C LEU B 247 1.24 6.52 -25.77
N GLU B 248 1.53 7.81 -25.90
CA GLU B 248 0.54 8.81 -26.32
C GLU B 248 0.42 8.87 -27.85
N ASP B 249 1.37 8.26 -28.56
CA ASP B 249 1.47 8.39 -30.04
C ASP B 249 0.34 7.62 -30.71
S SO4 C . -8.39 -3.88 -6.15
O1 SO4 C . -9.68 -3.23 -6.38
O2 SO4 C . -8.56 -5.33 -6.44
O3 SO4 C . -7.40 -3.39 -7.06
O4 SO4 C . -7.91 -3.70 -4.74
NA NA D . -10.72 -5.50 -7.41
S SO4 E . 0.77 -3.73 10.30
O1 SO4 E . 1.54 -2.53 10.24
O2 SO4 E . 1.57 -4.85 10.81
O3 SO4 E . -0.36 -3.52 11.27
O4 SO4 E . 0.18 -4.04 8.98
NA NA F . 0.24 -4.85 13.18
#